data_7TMG
#
_entry.id   7TMG
#
_cell.length_a   67.577
_cell.length_b   99.965
_cell.length_c   63.864
_cell.angle_alpha   90.000
_cell.angle_beta   90.000
_cell.angle_gamma   90.000
#
_symmetry.space_group_name_H-M   'P 21 21 2'
#
loop_
_entity.id
_entity.type
_entity.pdbx_description
1 polymer 'NAD(P)H nitroreductase'
2 non-polymer 'FLAVIN MONONUCLEOTIDE'
3 non-polymer 'PHOSPHATE ION'
4 water water
#
_entity_poly.entity_id   1
_entity_poly.type   'polypeptide(L)'
_entity_poly.pdbx_seq_one_letter_code
;MAHHHHHHMDALDLLLNRRSASRLAEPAPAGEQLENILRAGLRAPDHGTLQPWRFFIIADDGRERFSQLLEKGAREAGQD
EKGIEKARNAPFRAPLIITVVARCEDHPKVPRWEQEMSAGCAVMAMQMAALAQGFNGIWRSGALTESPVVRAGFECREQD
KIVGFLYLGTPQLKASTTIALPDTAPFVTRF
;
_entity_poly.pdbx_strand_id   A,B
#
loop_
_chem_comp.id
_chem_comp.type
_chem_comp.name
_chem_comp.formula
FMN non-polymer 'FLAVIN MONONUCLEOTIDE' 'C17 H21 N4 O9 P'
PO4 non-polymer 'PHOSPHATE ION' 'O4 P -3'
#
# COMPACT_ATOMS: atom_id res chain seq x y z
N MET A 9 -10.32 17.24 -8.36
CA MET A 9 -8.92 17.51 -8.05
C MET A 9 -8.03 16.61 -8.93
N ASP A 10 -6.88 17.12 -9.33
CA ASP A 10 -6.04 16.45 -10.32
C ASP A 10 -5.30 15.26 -9.72
N ALA A 11 -5.23 14.16 -10.49
CA ALA A 11 -4.69 12.91 -9.95
C ALA A 11 -3.20 13.03 -9.65
N LEU A 12 -2.43 13.61 -10.58
CA LEU A 12 -1.00 13.73 -10.33
C LEU A 12 -0.73 14.66 -9.14
N ASP A 13 -1.46 15.77 -9.04
CA ASP A 13 -1.31 16.65 -7.90
C ASP A 13 -1.59 15.93 -6.59
N LEU A 14 -2.64 15.11 -6.54
CA LEU A 14 -2.91 14.35 -5.33
C LEU A 14 -1.74 13.45 -4.97
N LEU A 15 -1.19 12.74 -5.95
CA LEU A 15 -0.14 11.77 -5.65
C LEU A 15 1.13 12.46 -5.21
N LEU A 16 1.47 13.58 -5.87
CA LEU A 16 2.72 14.26 -5.55
C LEU A 16 2.65 14.98 -4.21
N ASN A 17 1.46 15.36 -3.76
CA ASN A 17 1.32 16.13 -2.52
C ASN A 17 0.48 15.41 -1.49
N ARG A 18 0.37 14.08 -1.58
CA ARG A 18 -0.49 13.34 -0.65
C ARG A 18 -0.08 13.61 0.78
N ARG A 19 -1.03 14.08 1.58
CA ARG A 19 -0.83 14.30 3.01
C ARG A 19 -2.01 13.77 3.79
N SER A 20 -1.72 13.22 4.97
CA SER A 20 -2.72 12.76 5.91
C SER A 20 -3.18 13.92 6.78
N ALA A 21 -4.21 13.70 7.59
CA ALA A 21 -4.60 14.69 8.57
C ALA A 21 -5.04 13.98 9.84
N SER A 22 -4.47 14.39 10.98
CA SER A 22 -4.89 13.83 12.25
C SER A 22 -6.00 14.62 12.91
N ARG A 23 -6.11 15.92 12.60
CA ARG A 23 -7.12 16.79 13.21
C ARG A 23 -8.38 16.69 12.35
N LEU A 24 -9.34 15.89 12.80
CA LEU A 24 -10.49 15.52 11.98
C LEU A 24 -11.77 15.75 12.75
N ALA A 25 -12.78 16.28 12.05
CA ALA A 25 -14.04 16.60 12.70
C ALA A 25 -15.18 16.30 11.74
N GLU A 26 -16.38 16.37 12.29
CA GLU A 26 -17.59 16.19 11.52
C GLU A 26 -17.65 17.32 10.49
N PRO A 27 -18.25 17.09 9.31
CA PRO A 27 -18.93 15.86 8.91
C PRO A 27 -18.00 14.77 8.36
N ALA A 28 -18.32 13.53 8.69
CA ALA A 28 -17.63 12.40 8.07
C ALA A 28 -18.10 12.26 6.62
N PRO A 29 -17.30 11.64 5.76
CA PRO A 29 -17.83 11.25 4.45
C PRO A 29 -19.03 10.34 4.65
N ALA A 30 -20.05 10.53 3.81
CA ALA A 30 -21.32 9.84 3.98
C ALA A 30 -21.86 9.45 2.61
N GLY A 31 -22.83 8.56 2.64
CA GLY A 31 -23.52 8.16 1.41
C GLY A 31 -22.55 7.78 0.31
N GLU A 32 -22.79 8.34 -0.88
CA GLU A 32 -21.97 7.97 -2.03
C GLU A 32 -20.51 8.40 -1.88
N GLN A 33 -20.23 9.44 -1.10
CA GLN A 33 -18.83 9.79 -0.87
C GLN A 33 -18.12 8.69 -0.10
N LEU A 34 -18.80 8.10 0.88
CA LEU A 34 -18.22 6.99 1.63
C LEU A 34 -18.11 5.75 0.75
N GLU A 35 -19.11 5.52 -0.11
CA GLU A 35 -19.03 4.39 -1.03
C GLU A 35 -17.84 4.53 -1.95
N ASN A 36 -17.57 5.75 -2.43
CA ASN A 36 -16.38 5.98 -3.25
C ASN A 36 -15.11 5.62 -2.49
N ILE A 37 -15.03 5.98 -1.21
CA ILE A 37 -13.85 5.63 -0.42
C ILE A 37 -13.70 4.12 -0.34
N LEU A 38 -14.79 3.42 -0.02
CA LEU A 38 -14.75 1.96 0.09
C LEU A 38 -14.39 1.32 -1.24
N ARG A 39 -14.94 1.82 -2.36
CA ARG A 39 -14.60 1.22 -3.65
C ARG A 39 -13.15 1.44 -4.03
N ALA A 40 -12.57 2.60 -3.68
CA ALA A 40 -11.14 2.78 -3.89
C ALA A 40 -10.33 1.74 -3.13
N GLY A 41 -10.73 1.46 -1.88
CA GLY A 41 -10.07 0.40 -1.13
C GLY A 41 -10.14 -0.94 -1.84
N LEU A 42 -11.29 -1.26 -2.42
CA LEU A 42 -11.48 -2.52 -3.15
C LEU A 42 -10.76 -2.54 -4.50
N ARG A 43 -10.10 -1.46 -4.91
CA ARG A 43 -9.30 -1.47 -6.13
C ARG A 43 -7.80 -1.66 -5.85
N ALA A 44 -7.43 -2.02 -4.62
CA ALA A 44 -6.03 -2.21 -4.27
C ALA A 44 -5.42 -3.33 -5.12
N PRO A 45 -4.12 -3.24 -5.46
CA PRO A 45 -3.47 -4.33 -6.19
C PRO A 45 -3.54 -5.59 -5.36
N ASP A 46 -3.66 -6.72 -6.04
CA ASP A 46 -4.16 -7.93 -5.39
C ASP A 46 -3.63 -9.12 -6.19
N HIS A 47 -2.51 -9.69 -5.73
CA HIS A 47 -1.93 -10.83 -6.42
C HIS A 47 -2.88 -12.03 -6.34
N GLY A 48 -3.28 -12.53 -7.50
CA GLY A 48 -4.19 -13.65 -7.58
C GLY A 48 -5.65 -13.30 -7.43
N THR A 49 -5.99 -12.01 -7.32
CA THR A 49 -7.39 -11.60 -7.18
C THR A 49 -8.07 -12.31 -6.01
N LEU A 50 -7.36 -12.40 -4.89
CA LEU A 50 -7.93 -13.06 -3.73
C LEU A 50 -8.89 -12.17 -2.95
N GLN A 51 -8.91 -10.87 -3.24
CA GLN A 51 -9.72 -9.91 -2.51
C GLN A 51 -9.58 -10.11 -1.00
N PRO A 52 -8.36 -10.03 -0.47
CA PRO A 52 -8.09 -10.43 0.92
C PRO A 52 -8.38 -9.34 1.95
N TRP A 53 -9.60 -8.81 1.92
CA TRP A 53 -9.91 -7.65 2.74
C TRP A 53 -11.25 -7.80 3.43
N ARG A 54 -11.37 -7.20 4.61
CA ARG A 54 -12.66 -6.99 5.26
C ARG A 54 -12.62 -5.62 5.92
N PHE A 55 -13.65 -4.81 5.72
CA PHE A 55 -13.71 -3.44 6.23
C PHE A 55 -14.78 -3.35 7.30
N PHE A 56 -14.51 -2.59 8.36
CA PHE A 56 -15.50 -2.34 9.41
C PHE A 56 -15.72 -0.85 9.54
N ILE A 57 -16.97 -0.42 9.39
CA ILE A 57 -17.34 0.98 9.49
C ILE A 57 -17.70 1.28 10.93
N ILE A 58 -16.98 2.21 11.55
CA ILE A 58 -17.20 2.59 12.95
C ILE A 58 -17.65 4.04 12.98
N ALA A 59 -18.88 4.26 13.43
CA ALA A 59 -19.44 5.61 13.50
C ALA A 59 -20.64 5.58 14.43
N ASP A 60 -21.09 6.76 14.84
CA ASP A 60 -22.26 6.90 15.74
C ASP A 60 -21.96 6.10 16.99
N ASP A 61 -22.88 5.26 17.47
CA ASP A 61 -22.64 4.43 18.65
C ASP A 61 -21.57 3.37 18.42
N GLY A 62 -21.20 3.10 17.16
CA GLY A 62 -20.06 2.23 16.92
C GLY A 62 -18.79 2.75 17.56
N ARG A 63 -18.63 4.08 17.59
CA ARG A 63 -17.44 4.66 18.22
C ARG A 63 -17.39 4.32 19.70
N GLU A 64 -18.54 4.33 20.37
CA GLU A 64 -18.55 3.91 21.77
C GLU A 64 -18.24 2.42 21.92
N ARG A 65 -18.80 1.58 21.05
CA ARG A 65 -18.46 0.16 21.11
C ARG A 65 -16.98 -0.05 20.82
N PHE A 66 -16.40 0.76 19.94
CA PHE A 66 -14.96 0.70 19.65
C PHE A 66 -14.15 1.11 20.87
N SER A 67 -14.58 2.16 21.56
CA SER A 67 -13.91 2.60 22.78
C SER A 67 -13.86 1.50 23.81
N GLN A 68 -15.01 0.85 24.05
CA GLN A 68 -15.06 -0.22 25.04
C GLN A 68 -14.16 -1.37 24.63
N LEU A 69 -14.10 -1.65 23.32
CA LEU A 69 -13.29 -2.76 22.85
C LEU A 69 -11.81 -2.47 23.06
N LEU A 70 -11.37 -1.26 22.72
CA LEU A 70 -9.97 -0.90 22.92
C LEU A 70 -9.63 -0.85 24.41
N GLU A 71 -10.55 -0.35 25.25
CA GLU A 71 -10.26 -0.35 26.69
C GLU A 71 -9.99 -1.76 27.18
N LYS A 72 -10.87 -2.69 26.81
CA LYS A 72 -10.72 -4.08 27.22
C LYS A 72 -9.42 -4.67 26.71
N GLY A 73 -9.05 -4.36 25.47
CA GLY A 73 -7.77 -4.82 24.96
C GLY A 73 -6.60 -4.24 25.73
N ALA A 74 -6.67 -2.95 26.07
CA ALA A 74 -5.63 -2.31 26.86
C ALA A 74 -5.48 -2.98 28.24
N ARG A 75 -6.61 -3.23 28.92
CA ARG A 75 -6.53 -3.93 30.20
C ARG A 75 -6.00 -5.34 30.03
N GLU A 76 -6.48 -6.05 29.00
CA GLU A 76 -6.02 -7.41 28.79
C GLU A 76 -4.53 -7.44 28.51
N ALA A 77 -4.01 -6.39 27.89
CA ALA A 77 -2.58 -6.30 27.61
C ALA A 77 -1.78 -5.93 28.85
N GLY A 78 -2.44 -5.59 29.96
CA GLY A 78 -1.75 -5.11 31.13
C GLY A 78 -1.20 -3.70 31.00
N GLN A 79 -1.82 -2.86 30.17
CA GLN A 79 -1.32 -1.50 30.08
C GLN A 79 -1.60 -0.74 31.37
N ASP A 80 -0.83 0.33 31.57
CA ASP A 80 -1.01 1.23 32.70
C ASP A 80 -2.24 2.12 32.50
N GLU A 81 -2.53 2.93 33.53
CA GLU A 81 -3.76 3.73 33.54
C GLU A 81 -3.80 4.71 32.36
N LYS A 82 -2.65 5.33 32.08
CA LYS A 82 -2.55 6.24 30.94
C LYS A 82 -2.85 5.51 29.64
N GLY A 83 -2.33 4.29 29.50
CA GLY A 83 -2.60 3.52 28.29
C GLY A 83 -4.07 3.17 28.13
N ILE A 84 -4.72 2.76 29.22
CA ILE A 84 -6.13 2.44 29.17
C ILE A 84 -6.94 3.68 28.82
N GLU A 85 -6.58 4.82 29.42
CA GLU A 85 -7.28 6.06 29.13
C GLU A 85 -7.12 6.45 27.66
N LYS A 86 -5.92 6.29 27.10
CA LYS A 86 -5.72 6.64 25.69
C LYS A 86 -6.56 5.76 24.79
N ALA A 87 -6.63 4.46 25.09
CA ALA A 87 -7.44 3.54 24.31
C ALA A 87 -8.92 3.92 24.36
N ARG A 88 -9.43 4.22 25.56
CA ARG A 88 -10.80 4.68 25.71
C ARG A 88 -11.09 5.90 24.84
N ASN A 89 -10.19 6.89 24.85
CA ASN A 89 -10.45 8.12 24.12
C ASN A 89 -10.16 8.02 22.62
N ALA A 90 -9.44 6.99 22.18
CA ALA A 90 -8.94 6.98 20.81
C ALA A 90 -10.03 7.16 19.75
N PRO A 91 -11.19 6.49 19.82
CA PRO A 91 -12.17 6.63 18.73
C PRO A 91 -12.74 8.03 18.58
N PHE A 92 -12.71 8.85 19.60
CA PHE A 92 -13.39 10.14 19.50
C PHE A 92 -12.55 11.20 18.82
N ARG A 93 -11.40 10.82 18.29
CA ARG A 93 -10.56 11.73 17.51
C ARG A 93 -11.02 11.89 16.07
N ALA A 94 -12.04 11.16 15.63
CA ALA A 94 -12.60 11.35 14.30
C ALA A 94 -14.05 10.90 14.29
N PRO A 95 -14.88 11.44 13.40
CA PRO A 95 -16.28 11.00 13.33
C PRO A 95 -16.44 9.63 12.70
N LEU A 96 -15.41 9.12 12.02
CA LEU A 96 -15.52 7.87 11.29
C LEU A 96 -14.18 7.15 11.36
N ILE A 97 -14.23 5.85 11.60
CA ILE A 97 -13.04 5.01 11.55
C ILE A 97 -13.37 3.78 10.72
N ILE A 98 -12.44 3.38 9.85
CA ILE A 98 -12.61 2.16 9.08
C ILE A 98 -11.47 1.24 9.49
N THR A 99 -11.82 0.10 10.09
CA THR A 99 -10.82 -0.91 10.42
C THR A 99 -10.66 -1.83 9.24
N VAL A 100 -9.42 -2.10 8.86
CA VAL A 100 -9.13 -2.92 7.70
C VAL A 100 -8.42 -4.18 8.17
N VAL A 101 -9.02 -5.32 7.88
CA VAL A 101 -8.49 -6.62 8.23
C VAL A 101 -8.00 -7.27 6.95
N ALA A 102 -6.76 -7.77 6.97
CA ALA A 102 -6.28 -8.62 5.89
C ALA A 102 -6.83 -10.02 6.14
N ARG A 103 -7.79 -10.43 5.31
CA ARG A 103 -8.45 -11.74 5.40
C ARG A 103 -7.66 -12.69 4.51
N CYS A 104 -6.78 -13.50 5.10
CA CYS A 104 -5.77 -14.20 4.33
C CYS A 104 -6.17 -15.65 4.11
N GLU A 105 -5.59 -16.24 3.07
CA GLU A 105 -5.90 -17.64 2.76
C GLU A 105 -4.66 -18.32 2.23
N ASP A 106 -4.56 -19.60 2.53
CA ASP A 106 -3.52 -20.44 1.96
C ASP A 106 -3.64 -20.49 0.44
N HIS A 107 -2.56 -20.19 -0.28
CA HIS A 107 -2.51 -20.13 -1.75
CA HIS A 107 -2.53 -20.21 -1.74
C HIS A 107 -1.12 -20.51 -2.24
N PRO A 108 -0.99 -21.26 -3.35
CA PRO A 108 0.36 -21.68 -3.76
C PRO A 108 1.27 -20.55 -4.21
N LYS A 109 0.76 -19.60 -4.98
CA LYS A 109 1.59 -18.57 -5.57
C LYS A 109 1.54 -17.24 -4.82
N VAL A 110 0.78 -17.14 -3.73
CA VAL A 110 0.61 -15.84 -3.08
C VAL A 110 0.94 -15.96 -1.59
N PRO A 111 2.16 -15.61 -1.19
CA PRO A 111 2.51 -15.61 0.23
C PRO A 111 1.57 -14.72 1.04
N ARG A 112 1.46 -15.04 2.32
CA ARG A 112 0.58 -14.29 3.21
C ARG A 112 0.93 -12.81 3.25
N TRP A 113 2.22 -12.46 3.19
CA TRP A 113 2.62 -11.06 3.31
C TRP A 113 2.10 -10.21 2.16
N GLU A 114 1.93 -10.82 0.97
CA GLU A 114 1.40 -10.07 -0.17
C GLU A 114 -0.09 -9.80 -0.03
N GLN A 115 -0.82 -10.72 0.61
CA GLN A 115 -2.23 -10.46 0.90
C GLN A 115 -2.37 -9.39 1.96
N GLU A 116 -1.52 -9.45 2.99
CA GLU A 116 -1.48 -8.37 3.98
C GLU A 116 -1.12 -7.06 3.33
N MET A 117 -0.16 -7.09 2.40
CA MET A 117 0.24 -5.87 1.70
C MET A 117 -0.92 -5.28 0.90
N SER A 118 -1.69 -6.12 0.22
CA SER A 118 -2.86 -5.66 -0.52
C SER A 118 -3.85 -4.93 0.41
N ALA A 119 -4.09 -5.48 1.60
CA ALA A 119 -4.98 -4.80 2.54
C ALA A 119 -4.39 -3.48 3.01
N GLY A 120 -3.08 -3.43 3.23
CA GLY A 120 -2.45 -2.16 3.55
C GLY A 120 -2.67 -1.12 2.45
N CYS A 121 -2.52 -1.54 1.19
CA CYS A 121 -2.71 -0.60 0.08
C CYS A 121 -4.15 -0.11 0.02
N ALA A 122 -5.10 -0.95 0.41
CA ALA A 122 -6.49 -0.52 0.51
C ALA A 122 -6.65 0.62 1.51
N VAL A 123 -5.92 0.58 2.63
CA VAL A 123 -6.01 1.69 3.58
C VAL A 123 -5.55 2.98 2.92
N MET A 124 -4.42 2.94 2.21
CA MET A 124 -3.93 4.20 1.67
C MET A 124 -4.82 4.67 0.52
N ALA A 125 -5.34 3.75 -0.30
CA ALA A 125 -6.28 4.16 -1.35
C ALA A 125 -7.50 4.83 -0.75
N MET A 126 -7.97 4.32 0.39
CA MET A 126 -9.15 4.88 1.04
C MET A 126 -8.87 6.27 1.59
N GLN A 127 -7.68 6.47 2.17
CA GLN A 127 -7.27 7.81 2.60
C GLN A 127 -7.17 8.77 1.43
N MET A 128 -6.61 8.30 0.30
CA MET A 128 -6.56 9.21 -0.85
C MET A 128 -7.92 9.50 -1.45
N ALA A 129 -8.85 8.53 -1.43
CA ALA A 129 -10.18 8.82 -1.95
C ALA A 129 -10.92 9.81 -1.07
N ALA A 130 -10.67 9.80 0.25
CA ALA A 130 -11.18 10.84 1.12
C ALA A 130 -10.60 12.20 0.75
N LEU A 131 -9.27 12.27 0.65
CA LEU A 131 -8.58 13.50 0.27
C LEU A 131 -9.07 14.04 -1.06
N ALA A 132 -9.31 13.15 -2.03
CA ALA A 132 -9.81 13.58 -3.34
C ALA A 132 -11.17 14.25 -3.26
N GLN A 133 -11.94 13.99 -2.21
CA GLN A 133 -13.29 14.51 -2.07
C GLN A 133 -13.38 15.62 -1.03
N GLY A 134 -12.26 16.25 -0.67
CA GLY A 134 -12.30 17.31 0.33
C GLY A 134 -12.35 16.83 1.76
N PHE A 135 -12.20 15.54 1.99
CA PHE A 135 -12.05 15.01 3.35
C PHE A 135 -10.58 14.70 3.57
N ASN A 136 -10.27 14.03 4.66
CA ASN A 136 -8.94 13.46 4.82
C ASN A 136 -8.99 12.40 5.90
N GLY A 137 -7.82 11.83 6.19
CA GLY A 137 -7.77 10.76 7.17
C GLY A 137 -6.34 10.53 7.59
N ILE A 138 -6.19 9.64 8.57
CA ILE A 138 -4.87 9.19 9.00
C ILE A 138 -4.95 7.70 9.31
N TRP A 139 -4.01 6.95 8.74
CA TRP A 139 -3.81 5.53 9.02
C TRP A 139 -3.09 5.36 10.35
N ARG A 140 -3.77 4.75 11.33
CA ARG A 140 -3.19 4.50 12.65
C ARG A 140 -3.14 3.00 12.91
N SER A 141 -2.15 2.57 13.70
CA SER A 141 -2.18 1.19 14.14
C SER A 141 -2.01 1.00 15.65
N GLY A 142 -0.79 1.07 16.15
CA GLY A 142 -0.52 0.85 17.57
C GLY A 142 -0.55 -0.62 18.00
N ALA A 143 -0.16 -0.83 19.26
CA ALA A 143 0.00 -2.18 19.80
C ALA A 143 -1.33 -2.94 19.86
N LEU A 144 -2.45 -2.25 19.88
CA LEU A 144 -3.70 -3.01 20.03
C LEU A 144 -4.15 -3.65 18.72
N THR A 145 -3.46 -3.44 17.59
CA THR A 145 -3.79 -4.26 16.42
C THR A 145 -3.51 -5.74 16.69
N GLU A 146 -2.63 -6.06 17.65
CA GLU A 146 -2.29 -7.43 17.98
C GLU A 146 -3.03 -7.95 19.22
N SER A 147 -3.88 -7.13 19.79
CA SER A 147 -4.61 -7.52 21.00
C SER A 147 -5.55 -8.66 20.67
N PRO A 148 -5.55 -9.76 21.43
CA PRO A 148 -6.53 -10.81 21.16
C PRO A 148 -7.97 -10.34 21.31
N VAL A 149 -8.24 -9.51 22.32
CA VAL A 149 -9.59 -8.96 22.47
C VAL A 149 -9.97 -8.17 21.22
N VAL A 150 -9.08 -7.30 20.76
CA VAL A 150 -9.42 -6.41 19.65
C VAL A 150 -9.54 -7.21 18.36
N ARG A 151 -8.62 -8.15 18.15
CA ARG A 151 -8.68 -9.01 16.96
C ARG A 151 -9.98 -9.78 16.92
N ALA A 152 -10.45 -10.26 18.08
CA ALA A 152 -11.72 -10.98 18.13
C ALA A 152 -12.90 -10.07 17.83
N GLY A 153 -12.85 -8.81 18.28
CA GLY A 153 -13.92 -7.89 17.97
C GLY A 153 -14.07 -7.63 16.48
N PHE A 154 -12.97 -7.75 15.73
CA PHE A 154 -13.01 -7.63 14.28
C PHE A 154 -12.94 -9.00 13.57
N GLU A 155 -13.35 -10.07 14.26
CA GLU A 155 -13.61 -11.36 13.61
C GLU A 155 -12.36 -11.96 12.97
N CYS A 156 -11.18 -11.63 13.49
CA CYS A 156 -9.93 -12.14 12.92
C CYS A 156 -9.77 -13.63 13.19
N ARG A 157 -9.53 -14.40 12.14
CA ARG A 157 -9.00 -15.74 12.36
C ARG A 157 -7.51 -15.66 12.65
N GLU A 158 -6.92 -16.81 13.01
CA GLU A 158 -5.50 -16.85 13.32
C GLU A 158 -4.65 -16.31 12.18
N GLN A 159 -5.03 -16.58 10.94
CA GLN A 159 -4.22 -16.13 9.80
C GLN A 159 -4.59 -14.74 9.30
N ASP A 160 -5.54 -14.05 9.94
CA ASP A 160 -5.91 -12.71 9.53
C ASP A 160 -5.14 -11.69 10.36
N LYS A 161 -5.10 -10.45 9.87
CA LYS A 161 -4.32 -9.40 10.53
C LYS A 161 -5.05 -8.07 10.44
N ILE A 162 -5.12 -7.34 11.55
CA ILE A 162 -5.59 -5.96 11.51
C ILE A 162 -4.44 -5.11 10.96
N VAL A 163 -4.63 -4.52 9.77
CA VAL A 163 -3.56 -3.73 9.19
C VAL A 163 -3.72 -2.24 9.44
N GLY A 164 -4.89 -1.78 9.87
CA GLY A 164 -4.99 -0.38 10.23
C GLY A 164 -6.36 -0.01 10.73
N PHE A 165 -6.37 1.08 11.51
CA PHE A 165 -7.57 1.82 11.87
C PHE A 165 -7.49 3.15 11.11
N LEU A 166 -8.31 3.33 10.09
CA LEU A 166 -8.22 4.54 9.26
C LEU A 166 -9.23 5.55 9.80
N TYR A 167 -8.72 6.58 10.46
CA TYR A 167 -9.56 7.66 10.98
C TYR A 167 -9.86 8.63 9.86
N LEU A 168 -11.12 9.04 9.74
CA LEU A 168 -11.58 9.82 8.59
C LEU A 168 -12.50 10.94 9.05
N GLY A 169 -12.47 12.06 8.32
CA GLY A 169 -13.40 13.12 8.60
C GLY A 169 -13.06 14.35 7.78
N THR A 170 -13.62 15.48 8.20
CA THR A 170 -13.30 16.75 7.57
C THR A 170 -12.10 17.37 8.29
N PRO A 171 -10.99 17.61 7.60
CA PRO A 171 -9.82 18.13 8.29
C PRO A 171 -10.05 19.57 8.71
N GLN A 172 -9.35 19.99 9.78
CA GLN A 172 -9.42 21.40 10.20
C GLN A 172 -8.67 22.29 9.25
N LEU A 173 -7.67 21.73 8.59
CA LEU A 173 -6.74 22.45 7.73
C LEU A 173 -6.92 21.88 6.34
N LYS A 174 -7.05 22.74 5.34
CA LYS A 174 -6.97 22.24 3.97
C LYS A 174 -5.59 21.63 3.78
N ALA A 175 -5.53 20.52 3.05
CA ALA A 175 -4.23 19.90 2.79
C ALA A 175 -3.28 20.93 2.18
N SER A 176 -2.13 21.09 2.81
CA SER A 176 -1.18 22.10 2.35
C SER A 176 -0.74 21.80 0.92
N THR A 177 -0.58 22.87 0.13
CA THR A 177 -0.03 22.77 -1.21
C THR A 177 1.18 23.68 -1.40
N THR A 178 1.56 24.43 -0.36
CA THR A 178 2.73 25.29 -0.46
C THR A 178 4.04 24.51 -0.39
N ILE A 179 4.08 23.44 0.41
CA ILE A 179 5.33 22.69 0.59
C ILE A 179 5.82 22.14 -0.74
N ALA A 180 7.14 22.10 -0.90
CA ALA A 180 7.77 21.68 -2.13
C ALA A 180 7.80 20.15 -2.24
N LEU A 181 7.92 19.67 -3.47
CA LEU A 181 7.91 18.25 -3.77
C LEU A 181 9.13 17.56 -3.16
N PRO A 182 9.01 16.27 -2.82
CA PRO A 182 10.13 15.58 -2.16
C PRO A 182 11.32 15.45 -3.10
N ASP A 183 12.50 15.25 -2.50
CA ASP A 183 13.74 15.05 -3.26
C ASP A 183 14.22 13.61 -3.11
N THR A 184 15.03 13.15 -4.08
CA THR A 184 15.13 11.73 -4.39
C THR A 184 16.49 11.07 -4.12
N ALA A 185 17.59 11.82 -4.16
CA ALA A 185 18.92 11.23 -4.14
C ALA A 185 19.18 10.25 -3.00
N PRO A 186 18.79 10.52 -1.75
CA PRO A 186 19.06 9.52 -0.71
C PRO A 186 18.34 8.20 -0.93
N PHE A 187 17.33 8.17 -1.80
CA PHE A 187 16.43 7.03 -1.89
C PHE A 187 16.43 6.30 -3.23
N VAL A 188 16.97 6.90 -4.29
CA VAL A 188 16.84 6.34 -5.63
C VAL A 188 18.22 6.06 -6.20
N THR A 189 18.38 4.86 -6.77
CA THR A 189 19.65 4.37 -7.29
C THR A 189 19.42 3.89 -8.73
N ARG A 190 20.38 4.15 -9.62
CA ARG A 190 20.36 3.48 -10.92
C ARG A 190 21.00 2.09 -10.76
N PHE A 191 20.26 1.05 -11.13
CA PHE A 191 20.75 -0.31 -10.95
C PHE A 191 21.82 -0.67 -11.99
N MET B 9 -5.80 13.14 -15.47
CA MET B 9 -7.14 12.76 -15.06
C MET B 9 -7.57 13.29 -13.69
N ASP B 10 -8.85 13.11 -13.39
CA ASP B 10 -9.40 13.45 -12.10
C ASP B 10 -8.97 12.40 -11.07
N ALA B 11 -8.63 12.87 -9.85
CA ALA B 11 -8.05 11.99 -8.84
C ALA B 11 -9.01 10.88 -8.44
N LEU B 12 -10.26 11.23 -8.12
CA LEU B 12 -11.21 10.20 -7.69
C LEU B 12 -11.46 9.19 -8.78
N ASP B 13 -11.44 9.63 -10.05
CA ASP B 13 -11.60 8.69 -11.16
C ASP B 13 -10.43 7.72 -11.23
N LEU B 14 -9.21 8.21 -11.04
CA LEU B 14 -8.05 7.31 -11.07
C LEU B 14 -8.15 6.27 -9.97
N LEU B 15 -8.56 6.69 -8.76
CA LEU B 15 -8.60 5.76 -7.62
C LEU B 15 -9.69 4.72 -7.78
N LEU B 16 -10.87 5.13 -8.27
CA LEU B 16 -12.01 4.21 -8.39
C LEU B 16 -11.83 3.22 -9.53
N ASN B 17 -11.08 3.61 -10.56
CA ASN B 17 -10.93 2.82 -11.77
C ASN B 17 -9.52 2.28 -11.93
N ARG B 18 -8.68 2.40 -10.89
CA ARG B 18 -7.27 2.05 -11.01
C ARG B 18 -7.10 0.64 -11.53
N ARG B 19 -6.32 0.50 -12.60
CA ARG B 19 -6.00 -0.78 -13.22
C ARG B 19 -4.50 -0.85 -13.49
N SER B 20 -3.92 -2.02 -13.29
CA SER B 20 -2.57 -2.30 -13.73
C SER B 20 -2.60 -2.70 -15.21
N ALA B 21 -1.42 -2.79 -15.83
CA ALA B 21 -1.32 -3.31 -17.19
C ALA B 21 -0.07 -4.16 -17.29
N SER B 22 -0.22 -5.39 -17.78
CA SER B 22 0.93 -6.28 -17.89
C SER B 22 1.65 -6.13 -19.22
N ARG B 23 0.95 -5.77 -20.28
CA ARG B 23 1.55 -5.69 -21.60
C ARG B 23 2.03 -4.24 -21.77
N LEU B 24 3.34 -4.04 -21.66
CA LEU B 24 3.96 -2.73 -21.64
C LEU B 24 5.07 -2.67 -22.67
N ALA B 25 5.27 -1.49 -23.26
CA ALA B 25 6.35 -1.33 -24.23
C ALA B 25 6.87 0.11 -24.17
N GLU B 26 7.95 0.35 -24.89
CA GLU B 26 8.47 1.71 -25.07
C GLU B 26 7.34 2.62 -25.57
N PRO B 27 7.36 3.92 -25.23
CA PRO B 27 8.35 4.60 -24.40
C PRO B 27 8.11 4.38 -22.90
N ALA B 28 9.20 4.19 -22.17
CA ALA B 28 9.15 4.25 -20.72
C ALA B 28 8.99 5.71 -20.26
N PRO B 29 8.42 5.94 -19.08
CA PRO B 29 8.47 7.29 -18.52
C PRO B 29 9.91 7.72 -18.36
N ALA B 30 10.16 9.01 -18.59
CA ALA B 30 11.51 9.53 -18.54
C ALA B 30 11.46 10.98 -18.07
N GLY B 31 12.63 11.53 -17.77
CA GLY B 31 12.73 12.95 -17.48
C GLY B 31 11.85 13.33 -16.30
N GLU B 32 11.11 14.43 -16.47
CA GLU B 32 10.23 14.90 -15.41
C GLU B 32 9.13 13.90 -15.07
N GLN B 33 8.62 13.19 -16.09
CA GLN B 33 7.53 12.27 -15.83
C GLN B 33 7.97 11.11 -14.96
N LEU B 34 9.20 10.62 -15.15
CA LEU B 34 9.74 9.61 -14.25
C LEU B 34 10.04 10.19 -12.87
N GLU B 35 10.57 11.41 -12.80
CA GLU B 35 10.82 11.99 -11.49
C GLU B 35 9.51 12.18 -10.72
N ASN B 36 8.42 12.50 -11.41
CA ASN B 36 7.10 12.57 -10.77
C ASN B 36 6.68 11.23 -10.19
N ILE B 37 6.96 10.13 -10.90
CA ILE B 37 6.66 8.81 -10.34
C ILE B 37 7.43 8.59 -9.06
N LEU B 38 8.73 8.90 -9.07
CA LEU B 38 9.53 8.69 -7.87
C LEU B 38 9.05 9.57 -6.71
N ARG B 39 8.71 10.84 -6.97
CA ARG B 39 8.19 11.67 -5.89
C ARG B 39 6.88 11.13 -5.32
N ALA B 40 6.03 10.56 -6.17
CA ALA B 40 4.80 9.95 -5.67
C ALA B 40 5.11 8.80 -4.71
N GLY B 41 6.09 7.95 -5.06
CA GLY B 41 6.48 6.87 -4.15
C GLY B 41 6.94 7.40 -2.80
N LEU B 42 7.67 8.51 -2.82
CA LEU B 42 8.22 9.09 -1.60
C LEU B 42 7.16 9.77 -0.73
N ARG B 43 5.92 9.89 -1.20
CA ARG B 43 4.82 10.42 -0.39
C ARG B 43 4.04 9.32 0.33
N ALA B 44 4.52 8.08 0.32
CA ALA B 44 3.79 6.99 0.95
C ALA B 44 3.59 7.28 2.45
N PRO B 45 2.46 6.86 3.03
CA PRO B 45 2.31 6.97 4.48
C PRO B 45 3.44 6.24 5.19
N ASP B 46 3.88 6.79 6.32
CA ASP B 46 5.16 6.38 6.88
C ASP B 46 5.12 6.62 8.40
N HIS B 47 4.87 5.57 9.18
CA HIS B 47 4.76 5.74 10.64
C HIS B 47 6.11 6.13 11.22
N GLY B 48 6.17 7.29 11.89
CA GLY B 48 7.42 7.74 12.49
C GLY B 48 8.38 8.46 11.55
N THR B 49 7.99 8.73 10.31
CA THR B 49 8.88 9.32 9.30
C THR B 49 10.24 8.60 9.29
N LEU B 50 10.18 7.28 9.20
CA LEU B 50 11.39 6.50 9.04
C LEU B 50 11.93 6.51 7.62
N GLN B 51 11.12 6.90 6.64
CA GLN B 51 11.50 6.88 5.23
C GLN B 51 12.13 5.54 4.84
N PRO B 52 11.43 4.41 5.07
CA PRO B 52 12.07 3.10 5.05
C PRO B 52 12.08 2.46 3.66
N TRP B 53 12.66 3.16 2.69
CA TRP B 53 12.55 2.72 1.31
C TRP B 53 13.81 3.04 0.54
N ARG B 54 14.18 2.12 -0.36
CA ARG B 54 15.18 2.37 -1.39
C ARG B 54 14.59 1.94 -2.73
N PHE B 55 14.72 2.80 -3.75
CA PHE B 55 14.22 2.48 -5.08
C PHE B 55 15.40 2.24 -6.01
N PHE B 56 15.27 1.25 -6.91
CA PHE B 56 16.32 0.96 -7.90
C PHE B 56 15.70 1.09 -9.29
N ILE B 57 16.29 1.94 -10.13
CA ILE B 57 15.79 2.16 -11.48
C ILE B 57 16.49 1.18 -12.41
N ILE B 58 15.71 0.38 -13.13
CA ILE B 58 16.26 -0.70 -13.96
C ILE B 58 15.90 -0.44 -15.41
N ALA B 59 16.91 -0.21 -16.25
CA ALA B 59 16.67 0.08 -17.66
C ALA B 59 17.96 -0.11 -18.44
N ASP B 60 17.81 -0.35 -19.75
CA ASP B 60 18.95 -0.45 -20.68
C ASP B 60 19.86 -1.57 -20.19
N ASP B 61 21.16 -1.33 -19.99
CA ASP B 61 22.06 -2.37 -19.52
C ASP B 61 21.68 -2.86 -18.12
N GLY B 62 21.03 -2.02 -17.32
CA GLY B 62 20.58 -2.48 -16.01
C GLY B 62 19.54 -3.59 -16.12
N ARG B 63 18.74 -3.56 -17.18
CA ARG B 63 17.78 -4.63 -17.42
C ARG B 63 18.49 -5.95 -17.70
N GLU B 64 19.56 -5.91 -18.49
CA GLU B 64 20.37 -7.10 -18.72
C GLU B 64 21.02 -7.59 -17.43
N ARG B 65 21.55 -6.66 -16.61
CA ARG B 65 22.12 -7.06 -15.33
C ARG B 65 21.06 -7.69 -14.42
N PHE B 66 19.84 -7.14 -14.44
CA PHE B 66 18.75 -7.69 -13.64
C PHE B 66 18.39 -9.09 -14.13
N SER B 67 18.38 -9.29 -15.46
CA SER B 67 18.14 -10.60 -16.04
C SER B 67 19.16 -11.62 -15.53
N GLN B 68 20.46 -11.27 -15.55
CA GLN B 68 21.47 -12.21 -15.08
C GLN B 68 21.34 -12.51 -13.59
N LEU B 69 20.95 -11.49 -12.80
CA LEU B 69 20.73 -11.68 -11.36
C LEU B 69 19.60 -12.68 -11.09
N LEU B 70 18.44 -12.48 -11.72
CA LEU B 70 17.32 -13.40 -11.54
C LEU B 70 17.67 -14.79 -12.03
N GLU B 71 18.33 -14.87 -13.20
CA GLU B 71 18.78 -16.15 -13.73
C GLU B 71 19.65 -16.88 -12.73
N LYS B 72 20.61 -16.17 -12.13
CA LYS B 72 21.45 -16.79 -11.09
C LYS B 72 20.63 -17.22 -9.88
N GLY B 73 19.66 -16.40 -9.45
CA GLY B 73 18.81 -16.79 -8.34
C GLY B 73 18.08 -18.10 -8.60
N ALA B 74 17.48 -18.22 -9.78
CA ALA B 74 16.77 -19.45 -10.14
C ALA B 74 17.72 -20.63 -10.22
N ARG B 75 18.90 -20.42 -10.79
CA ARG B 75 19.87 -21.52 -10.92
C ARG B 75 20.35 -22.01 -9.55
N GLU B 76 20.73 -21.08 -8.66
CA GLU B 76 21.21 -21.48 -7.34
C GLU B 76 20.15 -22.22 -6.54
N ALA B 77 18.87 -21.95 -6.82
CA ALA B 77 17.79 -22.64 -6.13
C ALA B 77 17.44 -23.98 -6.77
N GLY B 78 18.11 -24.36 -7.85
CA GLY B 78 17.87 -25.65 -8.47
C GLY B 78 16.66 -25.71 -9.37
N GLN B 79 16.16 -24.59 -9.85
CA GLN B 79 15.03 -24.62 -10.78
C GLN B 79 15.43 -25.33 -12.08
N ASP B 80 14.44 -25.90 -12.76
CA ASP B 80 14.75 -26.51 -14.05
C ASP B 80 15.02 -25.44 -15.11
N GLU B 81 15.43 -25.92 -16.29
CA GLU B 81 15.84 -25.03 -17.38
C GLU B 81 14.74 -24.08 -17.79
N LYS B 82 13.47 -24.51 -17.73
CA LYS B 82 12.36 -23.63 -18.07
C LYS B 82 12.20 -22.52 -17.01
N GLY B 83 12.31 -22.87 -15.73
CA GLY B 83 12.29 -21.83 -14.70
C GLY B 83 13.44 -20.86 -14.83
N ILE B 84 14.64 -21.38 -15.11
CA ILE B 84 15.82 -20.53 -15.30
C ILE B 84 15.65 -19.61 -16.50
N GLU B 85 15.15 -20.17 -17.62
CA GLU B 85 14.92 -19.36 -18.81
C GLU B 85 13.87 -18.29 -18.55
N LYS B 86 12.80 -18.64 -17.83
CA LYS B 86 11.75 -17.68 -17.54
C LYS B 86 12.25 -16.56 -16.63
N ALA B 87 13.09 -16.89 -15.64
CA ALA B 87 13.73 -15.85 -14.84
C ALA B 87 14.58 -14.93 -15.70
N ARG B 88 15.40 -15.51 -16.60
CA ARG B 88 16.25 -14.73 -17.48
C ARG B 88 15.45 -13.74 -18.33
N ASN B 89 14.29 -14.18 -18.81
CA ASN B 89 13.47 -13.41 -19.74
C ASN B 89 12.53 -12.43 -19.05
N ALA B 90 12.32 -12.59 -17.73
CA ALA B 90 11.33 -11.77 -17.03
C ALA B 90 11.54 -10.27 -17.20
N PRO B 91 12.75 -9.70 -17.06
CA PRO B 91 12.85 -8.23 -17.08
C PRO B 91 12.46 -7.60 -18.41
N PHE B 92 12.44 -8.38 -19.49
CA PHE B 92 12.19 -7.77 -20.80
C PHE B 92 10.72 -7.61 -21.10
N ARG B 93 9.84 -7.87 -20.12
CA ARG B 93 8.43 -7.57 -20.21
C ARG B 93 8.09 -6.08 -20.07
N ALA B 94 9.04 -5.23 -19.72
CA ALA B 94 8.79 -3.79 -19.71
C ALA B 94 10.08 -3.05 -20.00
N PRO B 95 9.99 -1.82 -20.51
CA PRO B 95 11.22 -1.04 -20.75
C PRO B 95 11.84 -0.49 -19.47
N LEU B 96 11.09 -0.43 -18.37
CA LEU B 96 11.58 0.14 -17.14
C LEU B 96 11.03 -0.68 -15.98
N ILE B 97 11.90 -0.96 -15.01
CA ILE B 97 11.52 -1.63 -13.78
C ILE B 97 12.04 -0.82 -12.60
N ILE B 98 11.20 -0.65 -11.58
CA ILE B 98 11.65 -0.04 -10.33
C ILE B 98 11.54 -1.08 -9.23
N THR B 99 12.69 -1.50 -8.67
CA THR B 99 12.68 -2.40 -7.51
C THR B 99 12.54 -1.57 -6.25
N VAL B 100 11.63 -1.96 -5.35
CA VAL B 100 11.44 -1.25 -4.09
C VAL B 100 11.86 -2.17 -2.96
N VAL B 101 12.83 -1.71 -2.17
CA VAL B 101 13.28 -2.42 -0.98
C VAL B 101 12.69 -1.70 0.23
N ALA B 102 12.11 -2.47 1.16
CA ALA B 102 11.77 -1.94 2.49
C ALA B 102 13.05 -1.93 3.31
N ARG B 103 13.54 -0.75 3.62
CA ARG B 103 14.80 -0.60 4.36
C ARG B 103 14.41 -0.31 5.80
N CYS B 104 14.39 -1.36 6.62
CA CYS B 104 13.75 -1.36 7.93
C CYS B 104 14.75 -1.15 9.05
N GLU B 105 14.30 -0.50 10.11
CA GLU B 105 15.10 -0.28 11.30
C GLU B 105 14.26 -0.60 12.53
N ASP B 106 14.92 -1.14 13.55
CA ASP B 106 14.21 -1.52 14.76
C ASP B 106 13.79 -0.28 15.54
N HIS B 107 12.48 -0.13 15.74
CA HIS B 107 11.89 0.95 16.53
C HIS B 107 10.75 0.33 17.33
N PRO B 108 10.74 0.52 18.65
CA PRO B 108 9.69 -0.14 19.46
C PRO B 108 8.29 0.24 19.03
N LYS B 109 8.09 1.49 18.63
CA LYS B 109 6.77 1.97 18.26
C LYS B 109 6.39 1.70 16.81
N VAL B 110 7.33 1.25 15.99
CA VAL B 110 7.03 1.03 14.57
C VAL B 110 7.48 -0.38 14.18
N PRO B 111 6.62 -1.38 14.33
CA PRO B 111 7.00 -2.74 13.95
C PRO B 111 7.44 -2.83 12.50
N ARG B 112 8.19 -3.88 12.20
CA ARG B 112 8.79 -4.00 10.88
C ARG B 112 7.72 -4.11 9.79
N TRP B 113 6.59 -4.78 10.09
CA TRP B 113 5.56 -4.91 9.06
C TRP B 113 5.00 -3.56 8.63
N GLU B 114 4.95 -2.57 9.53
CA GLU B 114 4.46 -1.26 9.13
C GLU B 114 5.43 -0.55 8.20
N GLN B 115 6.74 -0.72 8.45
CA GLN B 115 7.74 -0.20 7.55
C GLN B 115 7.67 -0.89 6.18
N GLU B 116 7.48 -2.20 6.16
CA GLU B 116 7.29 -2.90 4.90
C GLU B 116 6.04 -2.41 4.18
N MET B 117 4.96 -2.13 4.91
CA MET B 117 3.76 -1.67 4.21
C MET B 117 3.93 -0.27 3.65
N SER B 118 4.73 0.57 4.29
CA SER B 118 5.03 1.88 3.71
C SER B 118 5.72 1.71 2.35
N ALA B 119 6.68 0.79 2.28
CA ALA B 119 7.38 0.54 1.01
C ALA B 119 6.42 -0.03 -0.03
N GLY B 120 5.52 -0.92 0.39
CA GLY B 120 4.53 -1.42 -0.55
C GLY B 120 3.60 -0.32 -1.06
N CYS B 121 3.18 0.58 -0.17
CA CYS B 121 2.34 1.70 -0.61
C CYS B 121 3.08 2.57 -1.61
N ALA B 122 4.41 2.69 -1.46
CA ALA B 122 5.19 3.44 -2.43
C ALA B 122 5.10 2.82 -3.82
N VAL B 123 5.08 1.48 -3.90
CA VAL B 123 4.93 0.82 -5.21
C VAL B 123 3.60 1.23 -5.84
N MET B 124 2.52 1.10 -5.09
CA MET B 124 1.19 1.40 -5.65
C MET B 124 1.15 2.89 -6.06
N ALA B 125 1.65 3.77 -5.19
CA ALA B 125 1.62 5.19 -5.54
C ALA B 125 2.36 5.43 -6.84
N MET B 126 3.45 4.70 -7.05
CA MET B 126 4.28 4.88 -8.23
C MET B 126 3.56 4.37 -9.47
N GLN B 127 2.86 3.23 -9.36
CA GLN B 127 2.01 2.73 -10.45
C GLN B 127 0.88 3.71 -10.79
N MET B 128 0.21 4.25 -9.78
CA MET B 128 -0.80 5.29 -10.01
C MET B 128 -0.22 6.54 -10.68
N ALA B 129 1.01 6.92 -10.32
CA ALA B 129 1.63 8.11 -10.93
C ALA B 129 1.98 7.86 -12.40
N ALA B 130 2.37 6.64 -12.74
CA ALA B 130 2.52 6.27 -14.15
C ALA B 130 1.18 6.36 -14.86
N LEU B 131 0.14 5.73 -14.29
CA LEU B 131 -1.18 5.73 -14.90
C LEU B 131 -1.68 7.15 -15.09
N ALA B 132 -1.50 8.00 -14.08
CA ALA B 132 -1.96 9.39 -14.17
C ALA B 132 -1.35 10.13 -15.35
N GLN B 133 -0.19 9.71 -15.82
CA GLN B 133 0.56 10.45 -16.84
C GLN B 133 0.52 9.77 -18.21
N GLY B 134 -0.41 8.83 -18.42
CA GLY B 134 -0.53 8.16 -19.70
C GLY B 134 0.33 6.93 -19.86
N PHE B 135 1.02 6.51 -18.82
CA PHE B 135 1.75 5.26 -18.80
C PHE B 135 0.95 4.27 -17.96
N ASN B 136 1.55 3.13 -17.63
CA ASN B 136 0.97 2.25 -16.63
C ASN B 136 2.05 1.29 -16.17
N GLY B 137 1.69 0.38 -15.27
CA GLY B 137 2.66 -0.51 -14.69
C GLY B 137 1.97 -1.68 -14.05
N ILE B 138 2.74 -2.69 -13.67
CA ILE B 138 2.21 -3.79 -12.88
C ILE B 138 3.20 -4.12 -11.77
N TRP B 139 2.70 -4.15 -10.55
CA TRP B 139 3.46 -4.62 -9.39
C TRP B 139 3.64 -6.12 -9.45
N ARG B 140 4.87 -6.59 -9.59
CA ARG B 140 5.14 -8.02 -9.60
C ARG B 140 6.10 -8.38 -8.46
N SER B 141 6.01 -9.62 -7.98
CA SER B 141 7.00 -10.07 -7.02
C SER B 141 7.61 -11.44 -7.36
N GLY B 142 6.84 -12.51 -7.16
CA GLY B 142 7.33 -13.83 -7.46
C GLY B 142 8.32 -14.35 -6.42
N ALA B 143 8.72 -15.60 -6.61
CA ALA B 143 9.47 -16.31 -5.58
C ALA B 143 10.90 -15.79 -5.40
N LEU B 144 11.46 -15.15 -6.43
CA LEU B 144 12.86 -14.74 -6.36
C LEU B 144 13.06 -13.45 -5.57
N THR B 145 11.99 -12.79 -5.06
CA THR B 145 12.22 -11.69 -4.13
C THR B 145 12.95 -12.15 -2.87
N GLU B 146 12.84 -13.44 -2.54
CA GLU B 146 13.45 -14.03 -1.35
C GLU B 146 14.82 -14.62 -1.63
N SER B 147 15.22 -14.71 -2.88
CA SER B 147 16.50 -15.32 -3.24
C SER B 147 17.65 -14.54 -2.61
N PRO B 148 18.56 -15.21 -1.89
CA PRO B 148 19.69 -14.47 -1.30
C PRO B 148 20.51 -13.68 -2.31
N VAL B 149 20.76 -14.25 -3.49
CA VAL B 149 21.62 -13.51 -4.44
C VAL B 149 20.88 -12.33 -5.04
N VAL B 150 19.57 -12.44 -5.25
CA VAL B 150 18.80 -11.27 -5.71
C VAL B 150 18.77 -10.19 -4.64
N ARG B 151 18.53 -10.57 -3.38
CA ARG B 151 18.51 -9.60 -2.28
C ARG B 151 19.85 -8.90 -2.15
N ALA B 152 20.95 -9.66 -2.28
CA ALA B 152 22.29 -9.05 -2.23
C ALA B 152 22.50 -8.08 -3.38
N GLY B 153 21.99 -8.41 -4.57
CA GLY B 153 22.11 -7.50 -5.70
C GLY B 153 21.40 -6.18 -5.45
N PHE B 154 20.36 -6.19 -4.61
CA PHE B 154 19.68 -4.95 -4.23
C PHE B 154 20.07 -4.49 -2.83
N GLU B 155 21.22 -4.97 -2.33
CA GLU B 155 21.87 -4.43 -1.13
C GLU B 155 20.99 -4.59 0.12
N CYS B 156 20.15 -5.62 0.13
CA CYS B 156 19.30 -5.89 1.29
C CYS B 156 20.12 -6.37 2.47
N ARG B 157 19.93 -5.73 3.61
CA ARG B 157 20.38 -6.36 4.84
C ARG B 157 19.37 -7.41 5.28
N GLU B 158 19.72 -8.15 6.33
CA GLU B 158 18.81 -9.17 6.86
C GLU B 158 17.44 -8.57 7.20
N GLN B 159 17.41 -7.38 7.79
CA GLN B 159 16.14 -6.78 8.17
C GLN B 159 15.43 -6.06 7.02
N ASP B 160 15.95 -6.14 5.80
CA ASP B 160 15.31 -5.46 4.67
C ASP B 160 14.58 -6.47 3.81
N LYS B 161 13.66 -5.96 2.98
CA LYS B 161 12.85 -6.87 2.16
C LYS B 161 12.58 -6.25 0.79
N ILE B 162 12.68 -7.06 -0.26
CA ILE B 162 12.19 -6.62 -1.57
C ILE B 162 10.68 -6.77 -1.55
N VAL B 163 9.96 -5.65 -1.67
CA VAL B 163 8.51 -5.75 -1.65
C VAL B 163 7.89 -5.72 -3.03
N GLY B 164 8.64 -5.34 -4.07
CA GLY B 164 8.07 -5.40 -5.41
C GLY B 164 9.08 -5.07 -6.48
N PHE B 165 8.81 -5.60 -7.67
CA PHE B 165 9.46 -5.17 -8.92
C PHE B 165 8.34 -4.52 -9.73
N LEU B 166 8.38 -3.20 -9.86
CA LEU B 166 7.29 -2.48 -10.53
C LEU B 166 7.67 -2.33 -12.00
N TYR B 167 7.02 -3.09 -12.87
CA TYR B 167 7.23 -3.01 -14.31
C TYR B 167 6.47 -1.81 -14.86
N LEU B 168 7.15 -0.97 -15.67
CA LEU B 168 6.58 0.30 -16.12
C LEU B 168 6.78 0.50 -17.62
N GLY B 169 5.81 1.14 -18.25
CA GLY B 169 5.95 1.45 -19.66
C GLY B 169 4.65 2.02 -20.21
N THR B 170 4.58 2.04 -21.55
CA THR B 170 3.36 2.48 -22.22
C THR B 170 2.48 1.28 -22.50
N PRO B 171 1.22 1.32 -22.08
CA PRO B 171 0.30 0.21 -22.34
C PRO B 171 0.21 -0.11 -23.84
N GLN B 172 0.18 -1.41 -24.14
CA GLN B 172 0.11 -1.88 -25.55
C GLN B 172 -1.34 -2.20 -25.93
N LEU B 173 -2.08 -2.88 -25.05
CA LEU B 173 -3.47 -3.23 -25.33
C LEU B 173 -4.30 -1.96 -25.52
N LYS B 174 -5.30 -2.06 -26.38
CA LYS B 174 -6.24 -0.96 -26.52
C LYS B 174 -6.98 -0.74 -25.20
N ALA B 175 -7.31 0.52 -24.93
CA ALA B 175 -8.16 0.83 -23.78
C ALA B 175 -9.49 0.09 -23.91
N SER B 176 -9.79 -0.76 -22.93
CA SER B 176 -10.99 -1.56 -22.96
C SER B 176 -12.16 -0.80 -22.33
N THR B 177 -13.34 -1.41 -22.36
CA THR B 177 -14.50 -0.86 -21.65
C THR B 177 -14.16 -0.70 -20.17
N THR B 178 -14.61 0.41 -19.58
CA THR B 178 -14.44 0.57 -18.14
C THR B 178 -15.17 -0.56 -17.41
N ILE B 179 -14.44 -1.21 -16.53
CA ILE B 179 -14.92 -2.38 -15.80
C ILE B 179 -15.84 -1.94 -14.69
N ALA B 180 -16.79 -2.81 -14.34
CA ALA B 180 -17.75 -2.49 -13.28
C ALA B 180 -17.05 -2.33 -11.94
N LEU B 181 -17.44 -1.31 -11.19
CA LEU B 181 -16.93 -1.19 -9.83
C LEU B 181 -17.57 -2.27 -8.95
N PRO B 182 -16.85 -2.76 -7.95
CA PRO B 182 -17.36 -3.88 -7.14
C PRO B 182 -18.42 -3.43 -6.15
N ASP B 183 -19.37 -4.33 -5.87
CA ASP B 183 -20.29 -4.12 -4.76
C ASP B 183 -19.53 -4.11 -3.45
N THR B 184 -19.84 -3.14 -2.59
CA THR B 184 -19.13 -3.02 -1.33
C THR B 184 -19.69 -3.91 -0.24
N ALA B 185 -20.98 -4.27 -0.32
CA ALA B 185 -21.63 -4.96 0.79
C ALA B 185 -20.94 -6.26 1.22
N PRO B 186 -20.46 -7.13 0.33
CA PRO B 186 -19.81 -8.37 0.81
C PRO B 186 -18.54 -8.14 1.63
N PHE B 187 -17.94 -6.95 1.58
CA PHE B 187 -16.67 -6.70 2.24
C PHE B 187 -16.80 -5.81 3.47
N VAL B 188 -17.99 -5.30 3.75
CA VAL B 188 -18.16 -4.19 4.70
C VAL B 188 -19.13 -4.61 5.79
N THR B 189 -18.74 -4.38 7.04
CA THR B 189 -19.57 -4.63 8.20
C THR B 189 -19.70 -3.33 8.98
N ARG B 190 -20.89 -3.05 9.49
CA ARG B 190 -21.07 -1.92 10.39
C ARG B 190 -20.77 -2.42 11.81
N PHE B 191 -19.76 -1.82 12.42
CA PHE B 191 -19.31 -2.25 13.73
C PHE B 191 -20.24 -1.76 14.83
N1 FMN C . 0.84 7.56 12.38
C2 FMN C . 0.44 7.79 13.68
O2 FMN C . 0.49 8.93 14.16
N3 FMN C . 0.02 6.75 14.48
C4 FMN C . -0.03 5.45 13.99
O4 FMN C . -0.43 4.53 14.72
C4A FMN C . 0.35 5.22 12.67
N5 FMN C . 0.32 3.93 12.14
C5A FMN C . 0.71 3.71 10.83
C6 FMN C . 0.68 2.42 10.32
C7 FMN C . 1.06 2.18 8.99
C7M FMN C . 1.02 0.76 8.44
C8 FMN C . 1.48 3.24 8.19
C8M FMN C . 1.89 2.99 6.75
C9 FMN C . 1.51 4.52 8.71
C9A FMN C . 1.13 4.78 10.03
N10 FMN C . 1.18 6.06 10.56
C10 FMN C . 0.79 6.28 11.87
C1' FMN C . 1.63 7.26 9.74
C2' FMN C . 0.45 8.12 9.29
O2' FMN C . -0.49 7.35 8.55
C3' FMN C . 0.94 9.30 8.44
O3' FMN C . 1.65 8.83 7.31
C4' FMN C . 1.87 10.21 9.26
O4' FMN C . 1.07 10.94 10.14
C5' FMN C . 2.64 11.16 8.35
O5' FMN C . 1.72 12.07 7.74
P FMN C . 1.60 12.15 6.14
O1P FMN C . 2.97 12.19 5.53
O2P FMN C . 0.90 10.86 5.69
O3P FMN C . 0.79 13.37 5.76
P PO4 D . -2.99 17.81 10.73
O1 PO4 D . -2.98 18.59 9.43
O2 PO4 D . -2.40 16.44 10.50
O3 PO4 D . -2.19 18.54 11.77
O4 PO4 D . -4.42 17.70 11.16
P PO4 E . -1.25 7.93 17.79
O1 PO4 E . -1.57 8.68 16.50
O2 PO4 E . -0.38 6.75 17.46
O3 PO4 E . -0.52 8.84 18.74
O4 PO4 E . -2.51 7.43 18.46
N1 FMN F . 0.51 -9.94 -10.12
C2 FMN F . 1.20 -10.76 -10.99
O2 FMN F . 0.69 -11.08 -12.05
N3 FMN F . 2.45 -11.24 -10.64
C4 FMN F . 3.03 -10.88 -9.45
O4 FMN F . 4.15 -11.31 -9.20
C4A FMN F . 2.33 -10.04 -8.56
N5 FMN F . 2.87 -9.66 -7.35
C5A FMN F . 2.16 -8.83 -6.50
C6 FMN F . 2.71 -8.46 -5.26
C7 FMN F . 1.98 -7.62 -4.41
C7M FMN F . 2.53 -7.21 -3.07
C8 FMN F . 0.73 -7.16 -4.79
C8M FMN F . -0.04 -6.28 -3.85
C9 FMN F . 0.19 -7.53 -6.01
C9A FMN F . 0.90 -8.36 -6.87
N10 FMN F . 0.35 -8.74 -8.08
C10 FMN F . 1.07 -9.56 -8.93
C1' FMN F . -1.01 -8.23 -8.50
C2' FMN F . -0.84 -7.23 -9.68
O2' FMN F . 0.02 -6.17 -9.32
C3' FMN F . -2.19 -6.65 -10.13
O3' FMN F . -2.88 -6.13 -9.00
C4' FMN F . -3.03 -7.75 -10.80
O4' FMN F . -2.48 -8.02 -12.08
C5' FMN F . -4.49 -7.36 -10.93
O5' FMN F . -4.63 -6.26 -11.82
P FMN F . -5.31 -4.89 -11.31
O1P FMN F . -4.31 -4.24 -10.35
O2P FMN F . -5.59 -3.98 -12.48
O3P FMN F . -6.58 -5.16 -10.55
P PO4 G . 3.98 -13.16 -13.37
O1 PO4 G . 3.27 -11.88 -13.78
O2 PO4 G . 3.72 -14.22 -14.42
O3 PO4 G . 5.47 -12.94 -13.23
O4 PO4 G . 3.40 -13.63 -12.05
P PO4 H . 5.27 -13.79 -21.02
O1 PO4 H . 6.33 -13.44 -22.03
O2 PO4 H . 4.51 -12.54 -20.63
O3 PO4 H . 5.91 -14.38 -19.78
O4 PO4 H . 4.31 -14.79 -21.62
P PO4 I . -3.29 -5.54 -19.54
O1 PO4 I . -3.86 -4.14 -19.67
O2 PO4 I . -2.10 -5.69 -20.47
O3 PO4 I . -2.87 -5.79 -18.12
O4 PO4 I . -4.36 -6.55 -19.92
#